data_6NMT
#
_entry.id   6NMT
#
_cell.length_a   126.370
_cell.length_b   126.370
_cell.length_c   229.670
_cell.angle_alpha   90.000
_cell.angle_beta   90.000
_cell.angle_gamma   90.000
#
_symmetry.space_group_name_H-M   'I 4 2 2'
#
loop_
_entity.id
_entity.type
_entity.pdbx_description
1 polymer 'Fab 3 anti-SIRP-alpha antibody Variable Light Chain'
2 polymer 'Fab 3 anti-SIRP-alpha antibody Variable Heavy Chain'
3 polymer 'Tyrosine-protein phosphatase non-receptor type substrate 1'
4 water water
#
loop_
_entity_poly.entity_id
_entity_poly.type
_entity_poly.pdbx_seq_one_letter_code
_entity_poly.pdbx_strand_id
1 'polypeptide(L)'
;ALTQPASVSANLGGTVKITCSGSRGRYGWYQQRSPGSAPVTVIYRDNQRPSNIPSRFSSSTSGSTSTLTITGVQADDESV
YFCGSYDGSIDIFGAGTTLTVLRTVAAPSVFIFPPSDEQLKSGTASVVCLLNNFYPREAKVQWKVDNALQSGNSQESVTE
QDSKDSTYSLSSTLTLSKADYEKHKVYACEVTHQGLSSPVTKSFNRGEC
;
A
2 'polypeptide(L)'
;AVTLDESGGGLQTPGGALSLVCKASGFIFSDYGMNWVRQAPGKGLEFVAQITSGSRTYYGAAVKGRATISRDNRQSTVKL
QLNNLRAEDTGIYFCARDFGSGVGSIDAWGNGTEVIVSSASTKGPSVFPLAPSSKSTSGGTAALGCLVKDYFPEPVTVSW
NSGALTSGVHTFPAVLQSSGLYSLSSVVTVPSSSLGTQTYICNVNHKPSNTKVDKKVEPKSCHHHHHH
;
B
3 'polypeptide(L)'
;EEELQVIQPDKSVLVAAGETATLRCTATSLIPVGPIQWFRGAGPGRELIYNQKEGHFPRVTTVSDLTKRNNMDFSIRIGA
ITPADAGTYYCVKFRKGSPDDVEFKSGAGTELSVRAKPSTRHHHHHH
;
C
#
# COMPACT_ATOMS: atom_id res chain seq x y z
N ALA A 1 -1.78 -13.02 -13.30
CA ALA A 1 -1.27 -11.67 -12.87
C ALA A 1 -2.46 -10.74 -13.00
N LEU A 2 -2.42 -9.65 -12.28
CA LEU A 2 -3.52 -8.68 -12.30
C LEU A 2 -3.09 -7.46 -13.10
N THR A 3 -3.93 -6.99 -14.00
CA THR A 3 -3.59 -5.82 -14.82
C THR A 3 -4.61 -4.73 -14.52
N GLN A 4 -4.11 -3.57 -14.15
CA GLN A 4 -4.94 -2.36 -13.93
C GLN A 4 -4.14 -1.21 -14.54
N PRO A 5 -4.84 -0.18 -15.02
CA PRO A 5 -4.09 0.93 -15.66
C PRO A 5 -3.23 1.74 -14.66
N ALA A 6 -2.20 2.43 -15.17
CA ALA A 6 -1.30 3.19 -14.29
C ALA A 6 -2.00 4.42 -13.74
N SER A 7 -2.88 5.02 -14.55
CA SER A 7 -3.47 6.34 -14.20
C SER A 7 -4.91 6.47 -14.69
N VAL A 8 -5.71 7.22 -13.94
CA VAL A 8 -7.04 7.68 -14.41
C VAL A 8 -7.25 9.08 -13.87
N SER A 9 -8.07 9.88 -14.54
CA SER A 9 -8.37 11.23 -14.04
C SER A 9 -9.85 11.51 -14.13
N ALA A 10 -10.32 12.37 -13.26
CA ALA A 10 -11.69 12.79 -13.30
C ALA A 10 -11.86 14.20 -12.76
N ASN A 11 -12.99 14.80 -13.11
CA ASN A 11 -13.40 16.08 -12.51
C ASN A 11 -13.99 15.84 -11.15
N LEU A 12 -13.87 16.86 -10.32
CA LEU A 12 -14.56 16.92 -9.02
C LEU A 12 -16.09 16.81 -9.31
N GLY A 13 -16.76 15.92 -8.61
CA GLY A 13 -18.19 15.62 -8.89
C GLY A 13 -18.46 14.67 -10.04
N GLY A 14 -17.43 14.22 -10.74
CA GLY A 14 -17.63 13.29 -11.85
C GLY A 14 -17.68 11.84 -11.36
N THR A 15 -17.81 10.95 -12.32
CA THR A 15 -17.79 9.51 -12.07
C THR A 15 -16.54 8.89 -12.76
N VAL A 16 -15.83 8.00 -12.06
CA VAL A 16 -14.66 7.38 -12.65
C VAL A 16 -14.69 5.89 -12.41
N LYS A 17 -14.12 5.14 -13.34
CA LYS A 17 -14.04 3.72 -13.23
C LYS A 17 -12.55 3.27 -13.35
N ILE A 18 -12.23 2.23 -12.61
CA ILE A 18 -10.92 1.55 -12.65
C ILE A 18 -11.19 0.07 -12.80
N THR A 19 -10.69 -0.54 -13.87
CA THR A 19 -10.89 -1.96 -14.14
C THR A 19 -9.58 -2.72 -13.89
N CYS A 20 -9.72 -3.85 -13.25
CA CYS A 20 -8.61 -4.76 -12.96
C CYS A 20 -9.03 -6.13 -13.53
N SER A 21 -8.14 -6.85 -14.19
CA SER A 21 -8.48 -8.19 -14.69
C SER A 21 -7.35 -9.17 -14.51
N GLY A 22 -7.67 -10.45 -14.58
CA GLY A 22 -6.67 -11.51 -14.47
C GLY A 22 -7.02 -12.59 -13.44
N SER A 23 -8.01 -12.36 -12.58
CA SER A 23 -8.45 -13.34 -11.59
C SER A 23 -9.93 -13.60 -11.66
N ARG A 24 -10.27 -14.89 -11.45
CA ARG A 24 -11.65 -15.29 -11.26
CA ARG A 24 -11.65 -15.31 -11.26
C ARG A 24 -11.97 -15.41 -9.79
N GLY A 25 -11.07 -14.98 -8.94
CA GLY A 25 -11.34 -14.91 -7.53
C GLY A 25 -12.06 -13.69 -7.03
N ARG A 26 -12.04 -13.52 -5.71
CA ARG A 26 -12.63 -12.34 -5.11
C ARG A 26 -11.61 -11.20 -5.23
N TYR A 27 -12.13 -10.00 -5.48
CA TYR A 27 -11.29 -8.79 -5.58
C TYR A 27 -11.53 -7.85 -4.41
N GLY A 28 -10.42 -7.26 -3.96
CA GLY A 28 -10.38 -6.20 -3.00
C GLY A 28 -9.79 -4.95 -3.69
N TRP A 29 -10.22 -3.78 -3.21
CA TRP A 29 -9.73 -2.51 -3.69
C TRP A 29 -9.27 -1.67 -2.51
N TYR A 30 -7.99 -1.30 -2.55
CA TYR A 30 -7.29 -0.74 -1.40
C TYR A 30 -6.68 0.62 -1.77
N GLN A 31 -7.08 1.65 -1.06
CA GLN A 31 -6.74 3.00 -1.32
C GLN A 31 -5.54 3.37 -0.45
N GLN A 32 -4.53 3.95 -1.06
CA GLN A 32 -3.32 4.39 -0.37
C GLN A 32 -3.02 5.82 -0.80
N ARG A 33 -3.12 6.70 0.14
CA ARG A 33 -2.90 8.15 -0.07
C ARG A 33 -1.48 8.57 -0.24
N SER A 34 -0.54 7.89 0.42
CA SER A 34 0.88 8.08 0.12
C SER A 34 1.68 6.81 0.33
N PRO A 35 2.78 6.61 -0.42
CA PRO A 35 3.51 5.33 -0.35
C PRO A 35 3.97 5.08 1.06
N GLY A 36 3.82 3.85 1.55
CA GLY A 36 4.21 3.55 2.92
C GLY A 36 3.13 3.73 3.93
N SER A 37 2.00 4.39 3.59
CA SER A 37 0.92 4.60 4.60
C SER A 37 -0.06 3.42 4.54
N ALA A 38 -0.75 3.14 5.64
CA ALA A 38 -1.64 2.01 5.72
C ALA A 38 -2.72 2.16 4.63
N PRO A 39 -2.89 1.13 3.84
CA PRO A 39 -4.05 1.16 2.94
C PRO A 39 -5.40 1.25 3.66
N VAL A 40 -6.40 1.75 2.98
CA VAL A 40 -7.76 1.74 3.51
C VAL A 40 -8.59 0.91 2.54
N THR A 41 -9.23 -0.15 3.03
CA THR A 41 -10.10 -0.97 2.18
C THR A 41 -11.35 -0.22 1.81
N VAL A 42 -11.57 0.01 0.51
CA VAL A 42 -12.83 0.57 0.07
C VAL A 42 -13.85 -0.44 -0.37
N ILE A 43 -13.39 -1.57 -0.90
CA ILE A 43 -14.25 -2.71 -1.28
C ILE A 43 -13.46 -3.95 -1.02
N TYR A 44 -14.11 -4.99 -0.51
CA TYR A 44 -13.47 -6.27 -0.37
C TYR A 44 -14.48 -7.40 -0.65
N ARG A 45 -13.97 -8.60 -0.87
CA ARG A 45 -14.81 -9.81 -1.05
C ARG A 45 -15.84 -9.58 -2.17
N ASP A 46 -15.24 -9.08 -3.22
CA ASP A 46 -15.84 -8.57 -4.44
C ASP A 46 -16.51 -7.29 -4.45
N ASN A 47 -17.66 -7.18 -3.78
CA ASN A 47 -18.55 -6.02 -3.87
CA ASN A 47 -18.41 -5.99 -3.96
C ASN A 47 -18.89 -5.40 -2.57
N GLN A 48 -18.28 -5.83 -1.45
CA GLN A 48 -18.68 -5.30 -0.09
C GLN A 48 -17.93 -4.09 0.40
N ARG A 49 -18.68 -3.09 0.82
CA ARG A 49 -18.15 -1.86 1.27
C ARG A 49 -18.14 -1.88 2.79
N PRO A 50 -16.98 -1.73 3.45
CA PRO A 50 -16.97 -1.54 4.92
C PRO A 50 -17.84 -0.38 5.38
N SER A 51 -18.39 -0.46 6.58
CA SER A 51 -19.47 0.49 6.98
C SER A 51 -18.98 1.94 7.07
N ASN A 52 -17.74 2.14 7.41
CA ASN A 52 -17.21 3.51 7.47
C ASN A 52 -16.86 4.12 6.04
N ILE A 53 -17.07 3.40 4.92
CA ILE A 53 -16.61 3.88 3.62
C ILE A 53 -17.85 4.57 3.00
N PRO A 54 -17.68 5.74 2.44
CA PRO A 54 -18.79 6.40 1.77
C PRO A 54 -19.45 5.60 0.63
N SER A 55 -20.77 5.76 0.45
CA SER A 55 -21.52 4.97 -0.54
C SER A 55 -21.17 5.31 -2.01
N ARG A 56 -20.37 6.34 -2.24
CA ARG A 56 -19.95 6.63 -3.59
C ARG A 56 -19.01 5.54 -4.19
N PHE A 57 -18.44 4.67 -3.36
CA PHE A 57 -17.61 3.56 -3.80
C PHE A 57 -18.49 2.33 -4.04
N SER A 58 -18.37 1.71 -5.21
CA SER A 58 -19.00 0.41 -5.46
C SER A 58 -18.16 -0.38 -6.39
N SER A 59 -18.40 -1.68 -6.45
CA SER A 59 -17.71 -2.46 -7.46
C SER A 59 -18.57 -3.59 -8.00
N SER A 60 -18.17 -4.09 -9.16
CA SER A 60 -18.77 -5.27 -9.80
C SER A 60 -17.60 -6.22 -10.06
N THR A 61 -17.90 -7.51 -10.13
CA THR A 61 -16.97 -8.53 -10.53
C THR A 61 -17.78 -9.53 -11.39
N SER A 62 -17.20 -9.98 -12.50
CA SER A 62 -17.77 -10.99 -13.32
C SER A 62 -16.64 -11.59 -14.14
N GLY A 63 -16.68 -12.91 -14.38
CA GLY A 63 -15.72 -13.53 -15.24
C GLY A 63 -14.33 -13.35 -14.62
N SER A 64 -13.37 -12.82 -15.35
CA SER A 64 -12.05 -12.57 -14.79
C SER A 64 -11.69 -11.09 -14.66
N THR A 65 -12.66 -10.31 -14.28
CA THR A 65 -12.51 -8.85 -14.22
C THR A 65 -13.38 -8.26 -13.11
N SER A 66 -12.92 -7.13 -12.59
CA SER A 66 -13.56 -6.35 -11.59
C SER A 66 -13.40 -4.85 -11.89
N THR A 67 -14.44 -4.07 -11.63
CA THR A 67 -14.43 -2.65 -11.86
C THR A 67 -14.87 -1.88 -10.60
N LEU A 68 -14.02 -0.98 -10.17
CA LEU A 68 -14.31 -0.04 -9.11
C LEU A 68 -14.89 1.21 -9.77
N THR A 69 -16.01 1.69 -9.22
CA THR A 69 -16.61 2.93 -9.62
C THR A 69 -16.68 3.86 -8.44
N ILE A 70 -16.27 5.10 -8.63
CA ILE A 70 -16.47 6.14 -7.69
C ILE A 70 -17.43 7.18 -8.33
N THR A 71 -18.60 7.37 -7.76
CA THR A 71 -19.63 8.27 -8.40
C THR A 71 -19.75 9.53 -7.59
N GLY A 72 -19.38 10.71 -8.11
CA GLY A 72 -19.28 11.91 -7.31
C GLY A 72 -17.92 12.10 -6.62
N VAL A 73 -16.89 12.09 -7.45
CA VAL A 73 -15.50 12.17 -7.01
C VAL A 73 -15.29 13.40 -6.12
N GLN A 74 -14.63 13.19 -5.01
CA GLN A 74 -14.27 14.27 -4.08
C GLN A 74 -12.75 14.47 -4.13
N ALA A 75 -12.27 15.58 -3.64
CA ALA A 75 -10.85 15.83 -3.66
C ALA A 75 -10.11 14.82 -2.81
N ASP A 76 -10.74 14.33 -1.74
CA ASP A 76 -10.03 13.35 -0.94
C ASP A 76 -10.01 11.94 -1.52
N ASP A 77 -10.60 11.73 -2.71
CA ASP A 77 -10.48 10.49 -3.40
C ASP A 77 -9.17 10.35 -4.17
N GLU A 78 -8.42 11.43 -4.33
CA GLU A 78 -7.06 11.33 -4.92
CA GLU A 78 -7.05 11.36 -4.90
C GLU A 78 -6.27 10.30 -4.11
N SER A 79 -5.59 9.39 -4.79
CA SER A 79 -4.87 8.28 -4.14
C SER A 79 -4.45 7.28 -5.22
N VAL A 80 -3.68 6.27 -4.79
CA VAL A 80 -3.42 5.11 -5.59
C VAL A 80 -4.40 4.05 -5.15
N TYR A 81 -5.04 3.38 -6.10
CA TYR A 81 -5.98 2.29 -5.74
C TYR A 81 -5.30 1.00 -6.23
N PHE A 82 -5.07 0.05 -5.31
CA PHE A 82 -4.53 -1.28 -5.63
C PHE A 82 -5.65 -2.27 -5.63
N CYS A 83 -5.72 -3.09 -6.65
CA CYS A 83 -6.56 -4.25 -6.66
C CYS A 83 -5.78 -5.37 -6.07
N GLY A 84 -6.46 -6.28 -5.36
CA GLY A 84 -5.86 -7.49 -4.86
C GLY A 84 -6.80 -8.67 -4.97
N SER A 85 -6.24 -9.85 -5.26
CA SER A 85 -7.07 -11.06 -5.40
C SER A 85 -6.21 -12.31 -5.21
N TYR A 86 -6.80 -13.32 -4.58
CA TYR A 86 -6.29 -14.69 -4.64
C TYR A 86 -7.00 -15.33 -5.83
N ASP A 87 -6.22 -15.78 -6.80
CA ASP A 87 -6.78 -16.25 -8.06
C ASP A 87 -7.02 -17.72 -8.13
N GLY A 88 -7.01 -18.38 -6.97
CA GLY A 88 -7.11 -19.85 -6.87
C GLY A 88 -5.77 -20.55 -6.97
N SER A 89 -4.69 -19.81 -7.21
CA SER A 89 -3.34 -20.32 -7.18
C SER A 89 -2.41 -19.45 -6.26
N ILE A 90 -2.38 -18.14 -6.48
CA ILE A 90 -1.56 -17.24 -5.72
C ILE A 90 -2.31 -15.96 -5.34
N ASP A 91 -1.85 -15.33 -4.24
CA ASP A 91 -2.33 -14.02 -3.75
C ASP A 91 -1.44 -12.96 -4.44
N ILE A 92 -2.10 -12.01 -5.09
CA ILE A 92 -1.44 -10.97 -5.89
C ILE A 92 -2.13 -9.62 -5.69
N PHE A 93 -1.35 -8.57 -5.81
CA PHE A 93 -1.79 -7.19 -5.90
C PHE A 93 -1.49 -6.69 -7.31
N GLY A 94 -2.36 -5.88 -7.86
CA GLY A 94 -2.02 -5.18 -9.06
C GLY A 94 -1.03 -4.07 -8.76
N ALA A 95 -0.58 -3.41 -9.82
CA ALA A 95 0.50 -2.39 -9.69
C ALA A 95 -0.01 -1.05 -9.21
N GLY A 96 -1.33 -0.85 -9.12
CA GLY A 96 -1.89 0.40 -8.57
C GLY A 96 -2.31 1.35 -9.70
N THR A 97 -3.45 2.01 -9.50
CA THR A 97 -3.92 3.02 -10.39
C THR A 97 -3.98 4.33 -9.62
N THR A 98 -3.33 5.36 -10.15
CA THR A 98 -3.32 6.67 -9.50
C THR A 98 -4.51 7.47 -10.06
N LEU A 99 -5.34 7.97 -9.19
CA LEU A 99 -6.48 8.84 -9.53
C LEU A 99 -6.04 10.25 -9.30
N THR A 100 -6.07 11.03 -10.36
CA THR A 100 -5.81 12.46 -10.32
C THR A 100 -7.14 13.19 -10.46
N VAL A 101 -7.33 14.18 -9.61
CA VAL A 101 -8.53 15.06 -9.63
C VAL A 101 -8.16 16.30 -10.46
N LEU A 102 -8.87 16.51 -11.55
CA LEU A 102 -8.56 17.60 -12.46
C LEU A 102 -9.14 18.91 -11.86
N ARG A 103 -8.51 20.04 -12.15
CA ARG A 103 -8.93 21.33 -11.64
C ARG A 103 -8.34 22.41 -12.54
N THR A 104 -8.41 23.71 -12.16
CA THR A 104 -7.87 24.74 -13.00
C THR A 104 -6.37 24.88 -12.77
N VAL A 105 -5.69 25.50 -13.72
CA VAL A 105 -4.27 25.80 -13.63
C VAL A 105 -4.01 26.72 -12.45
N ALA A 106 -3.04 26.40 -11.60
CA ALA A 106 -2.58 27.28 -10.51
C ALA A 106 -1.05 27.43 -10.57
N ALA A 107 -0.59 28.66 -10.74
CA ALA A 107 0.82 28.92 -10.75
C ALA A 107 1.43 28.63 -9.35
N PRO A 108 2.67 28.15 -9.29
CA PRO A 108 3.28 28.00 -7.98
C PRO A 108 3.58 29.34 -7.30
N SER A 109 3.45 29.39 -5.97
CA SER A 109 4.05 30.44 -5.15
C SER A 109 5.45 29.96 -4.79
N VAL A 110 6.45 30.78 -5.11
CA VAL A 110 7.85 30.41 -5.01
C VAL A 110 8.54 31.11 -3.85
N PHE A 111 9.28 30.34 -3.06
CA PHE A 111 10.02 30.88 -1.92
C PHE A 111 11.43 30.32 -1.94
N ILE A 112 12.42 31.14 -1.67
CA ILE A 112 13.83 30.68 -1.52
C ILE A 112 14.31 30.90 -0.07
N PHE A 113 15.02 29.92 0.49
CA PHE A 113 15.54 29.95 1.82
C PHE A 113 17.06 29.79 1.81
N PRO A 114 17.82 30.78 2.33
CA PRO A 114 19.24 30.60 2.59
C PRO A 114 19.50 29.57 3.64
N PRO A 115 20.72 29.04 3.65
CA PRO A 115 21.08 28.11 4.71
C PRO A 115 21.13 28.82 6.07
N SER A 116 20.92 28.09 7.13
CA SER A 116 20.98 28.65 8.45
C SER A 116 22.44 28.85 8.85
N ASP A 117 22.70 29.80 9.76
CA ASP A 117 24.05 30.00 10.33
C ASP A 117 24.54 28.79 11.04
N GLU A 118 23.66 28.07 11.73
CA GLU A 118 24.01 26.82 12.38
C GLU A 118 24.51 25.75 11.44
N GLN A 119 23.81 25.56 10.33
CA GLN A 119 24.27 24.54 9.39
C GLN A 119 25.64 25.00 8.79
N LEU A 120 25.74 26.26 8.42
CA LEU A 120 26.99 26.76 7.78
C LEU A 120 28.18 26.55 8.67
N LYS A 121 28.01 26.73 9.97
CA LYS A 121 29.11 26.54 10.93
C LYS A 121 29.54 25.13 10.94
N SER A 122 28.63 24.21 10.69
CA SER A 122 28.98 22.81 10.62
C SER A 122 29.63 22.42 9.29
N GLY A 123 29.77 23.31 8.31
CA GLY A 123 30.55 23.00 7.10
C GLY A 123 29.71 22.79 5.80
N THR A 124 28.38 22.90 5.86
CA THR A 124 27.52 22.65 4.69
C THR A 124 26.48 23.75 4.52
N ALA A 125 26.14 24.09 3.27
CA ALA A 125 25.07 25.01 2.99
C ALA A 125 23.98 24.28 2.13
N SER A 126 22.78 24.14 2.68
CA SER A 126 21.61 23.71 1.93
C SER A 126 20.77 24.93 1.62
N VAL A 127 20.51 25.20 0.35
CA VAL A 127 19.68 26.31 -0.06
C VAL A 127 18.42 25.65 -0.55
N VAL A 128 17.26 26.12 -0.13
CA VAL A 128 16.02 25.43 -0.43
C VAL A 128 15.11 26.31 -1.25
N CYS A 129 14.53 25.74 -2.31
CA CYS A 129 13.52 26.45 -3.10
C CYS A 129 12.22 25.68 -3.02
N LEU A 130 11.14 26.38 -2.66
CA LEU A 130 9.81 25.85 -2.43
C LEU A 130 8.84 26.35 -3.55
N LEU A 131 8.21 25.44 -4.24
CA LEU A 131 7.19 25.73 -5.27
C LEU A 131 5.90 25.27 -4.62
N ASN A 132 5.08 26.21 -4.19
CA ASN A 132 3.91 25.82 -3.38
C ASN A 132 2.54 25.89 -4.12
N ASN A 133 1.79 24.80 -4.02
CA ASN A 133 0.36 24.73 -4.34
C ASN A 133 0.09 25.08 -5.83
N PHE A 134 0.71 24.29 -6.71
CA PHE A 134 0.53 24.49 -8.14
C PHE A 134 -0.25 23.34 -8.78
N TYR A 135 -0.73 23.59 -10.00
CA TYR A 135 -1.42 22.55 -10.76
C TYR A 135 -1.34 22.96 -12.22
N PRO A 136 -1.06 22.02 -13.11
CA PRO A 136 -0.86 20.61 -12.91
C PRO A 136 0.60 20.29 -12.40
N ARG A 137 0.95 19.02 -12.36
CA ARG A 137 2.17 18.60 -11.68
C ARG A 137 3.43 19.02 -12.38
N GLU A 138 3.42 19.13 -13.69
CA GLU A 138 4.63 19.44 -14.46
C GLU A 138 5.22 20.81 -14.10
N ALA A 139 6.48 20.82 -13.75
CA ALA A 139 7.19 22.02 -13.29
C ALA A 139 8.66 21.80 -13.43
N LYS A 140 9.38 22.86 -13.59
CA LYS A 140 10.83 22.79 -13.79
C LYS A 140 11.47 23.82 -12.89
N VAL A 141 12.58 23.47 -12.27
CA VAL A 141 13.31 24.40 -11.40
C VAL A 141 14.78 24.33 -11.81
N GLN A 142 15.43 25.49 -11.92
CA GLN A 142 16.86 25.57 -12.25
C GLN A 142 17.50 26.44 -11.16
N TRP A 143 18.69 26.08 -10.74
CA TRP A 143 19.51 26.91 -9.81
C TRP A 143 20.59 27.64 -10.56
N LYS A 144 20.79 28.91 -10.19
CA LYS A 144 21.87 29.72 -10.74
C LYS A 144 22.58 30.42 -9.62
N VAL A 145 23.90 30.43 -9.64
CA VAL A 145 24.74 30.97 -8.63
C VAL A 145 25.66 31.96 -9.37
N ASP A 146 25.56 33.24 -9.01
CA ASP A 146 26.15 34.35 -9.88
C ASP A 146 25.92 34.19 -11.39
N ASN A 147 24.66 33.90 -11.71
CA ASN A 147 24.19 33.65 -13.02
C ASN A 147 24.71 32.34 -13.69
N ALA A 148 25.53 31.54 -13.02
CA ALA A 148 25.92 30.24 -13.61
C ALA A 148 24.90 29.12 -13.28
N LEU A 149 24.39 28.45 -14.31
CA LEU A 149 23.53 27.27 -14.08
C LEU A 149 24.25 26.16 -13.33
N GLN A 150 23.60 25.62 -12.30
CA GLN A 150 24.14 24.55 -11.48
C GLN A 150 23.69 23.19 -12.01
N SER A 151 24.56 22.20 -11.94
CA SER A 151 24.16 20.86 -12.24
C SER A 151 24.88 19.89 -11.28
N GLY A 152 24.20 18.76 -10.96
CA GLY A 152 24.83 17.70 -10.16
C GLY A 152 24.71 17.84 -8.66
N ASN A 153 24.18 18.94 -8.19
CA ASN A 153 24.28 19.29 -6.76
C ASN A 153 22.91 19.65 -6.18
N SER A 154 21.84 19.21 -6.84
CA SER A 154 20.47 19.37 -6.32
C SER A 154 19.65 18.14 -6.30
N GLN A 155 18.67 18.13 -5.38
CA GLN A 155 17.64 17.05 -5.34
C GLN A 155 16.28 17.71 -5.17
N GLU A 156 15.24 17.06 -5.71
CA GLU A 156 13.85 17.55 -5.68
C GLU A 156 13.00 16.46 -5.05
N SER A 157 11.90 16.88 -4.42
CA SER A 157 10.89 15.97 -3.92
C SER A 157 9.52 16.67 -4.13
N VAL A 158 8.48 15.91 -4.38
CA VAL A 158 7.15 16.50 -4.71
C VAL A 158 6.12 15.81 -3.83
N THR A 159 5.12 16.56 -3.39
CA THR A 159 4.10 15.97 -2.63
C THR A 159 3.10 15.22 -3.54
N GLU A 160 2.29 14.39 -2.88
CA GLU A 160 1.09 13.79 -3.54
C GLU A 160 0.12 14.93 -3.80
N GLN A 161 -0.83 14.69 -4.69
CA GLN A 161 -1.86 15.69 -4.92
C GLN A 161 -2.60 16.01 -3.61
N ASP A 162 -2.82 17.29 -3.34
CA ASP A 162 -3.37 17.70 -2.05
C ASP A 162 -4.81 17.21 -1.92
N SER A 163 -5.15 16.64 -0.78
CA SER A 163 -6.53 16.04 -0.56
C SER A 163 -7.65 17.05 -0.38
N LYS A 164 -7.31 18.32 -0.21
CA LYS A 164 -8.31 19.42 -0.17
C LYS A 164 -8.40 20.33 -1.38
N ASP A 165 -7.28 20.81 -1.91
CA ASP A 165 -7.35 21.75 -3.04
C ASP A 165 -6.77 21.20 -4.34
N SER A 166 -6.35 19.94 -4.35
CA SER A 166 -5.97 19.24 -5.59
C SER A 166 -4.67 19.80 -6.28
N THR A 167 -3.83 20.51 -5.50
CA THR A 167 -2.55 20.99 -5.96
C THR A 167 -1.38 20.10 -5.52
N TYR A 168 -0.17 20.48 -6.00
CA TYR A 168 1.05 19.84 -5.67
C TYR A 168 2.01 20.89 -5.13
N SER A 169 3.01 20.43 -4.35
CA SER A 169 4.10 21.30 -3.94
C SER A 169 5.39 20.52 -4.20
N LEU A 170 6.46 21.26 -4.40
CA LEU A 170 7.75 20.72 -4.69
C LEU A 170 8.84 21.49 -3.97
N SER A 171 9.87 20.77 -3.52
CA SER A 171 11.04 21.40 -2.90
C SER A 171 12.24 20.98 -3.73
N SER A 172 13.14 21.91 -3.97
CA SER A 172 14.43 21.61 -4.54
C SER A 172 15.50 22.13 -3.56
N THR A 173 16.50 21.32 -3.28
CA THR A 173 17.58 21.64 -2.35
C THR A 173 18.93 21.59 -3.09
N LEU A 174 19.64 22.71 -3.07
CA LEU A 174 20.98 22.87 -3.62
C LEU A 174 21.95 22.69 -2.45
N THR A 175 22.85 21.72 -2.54
CA THR A 175 23.74 21.42 -1.43
C THR A 175 25.19 21.66 -1.81
N LEU A 176 25.84 22.58 -1.08
CA LEU A 176 27.18 23.01 -1.30
C LEU A 176 27.99 22.93 -0.02
N SER A 177 29.31 22.80 -0.14
CA SER A 177 30.19 22.99 0.98
C SER A 177 30.10 24.45 1.45
N LYS A 178 30.44 24.67 2.71
CA LYS A 178 30.48 26.07 3.21
C LYS A 178 31.44 26.90 2.38
N ALA A 179 32.60 26.35 2.08
CA ALA A 179 33.62 27.09 1.34
C ALA A 179 33.13 27.43 -0.04
N ASP A 180 32.47 26.50 -0.72
CA ASP A 180 31.87 26.85 -2.03
C ASP A 180 30.79 27.91 -1.95
N TYR A 181 29.93 27.80 -0.96
CA TYR A 181 28.83 28.75 -0.76
C TYR A 181 29.40 30.15 -0.61
N GLU A 182 30.51 30.25 0.12
CA GLU A 182 31.11 31.55 0.40
C GLU A 182 31.87 32.18 -0.76
N LYS A 183 32.02 31.49 -1.87
CA LYS A 183 32.71 32.02 -3.10
C LYS A 183 31.81 32.85 -4.00
N HIS A 184 30.50 32.87 -3.76
CA HIS A 184 29.55 33.55 -4.61
C HIS A 184 28.50 34.30 -3.81
N LYS A 185 27.87 35.18 -4.49
CA LYS A 185 26.95 36.12 -3.86
C LYS A 185 25.47 35.85 -4.16
N VAL A 186 25.07 35.78 -5.43
CA VAL A 186 23.67 35.74 -5.80
C VAL A 186 23.20 34.26 -5.98
N TYR A 187 22.24 33.85 -5.18
CA TYR A 187 21.67 32.47 -5.22
C TYR A 187 20.27 32.63 -5.74
N ALA A 188 19.93 31.94 -6.82
CA ALA A 188 18.59 32.12 -7.49
C ALA A 188 18.02 30.80 -7.92
N CYS A 189 16.71 30.67 -7.75
CA CYS A 189 15.96 29.50 -8.10
C CYS A 189 15.01 30.04 -9.23
N GLU A 190 14.97 29.40 -10.42
CA GLU A 190 14.11 29.85 -11.51
C GLU A 190 13.12 28.75 -11.85
N VAL A 191 11.85 29.13 -11.94
CA VAL A 191 10.74 28.18 -12.01
C VAL A 191 9.95 28.41 -13.27
N THR A 192 9.63 27.33 -13.95
CA THR A 192 8.84 27.31 -15.15
C THR A 192 7.63 26.43 -14.87
N HIS A 193 6.46 26.94 -15.18
CA HIS A 193 5.20 26.21 -14.98
C HIS A 193 4.15 26.84 -15.91
N GLN A 194 3.17 26.05 -16.36
CA GLN A 194 2.20 26.61 -17.33
C GLN A 194 1.28 27.68 -16.74
N GLY A 195 1.17 27.82 -15.43
CA GLY A 195 0.44 28.97 -14.89
C GLY A 195 1.16 30.30 -14.94
N LEU A 196 2.43 30.30 -15.34
CA LEU A 196 3.22 31.54 -15.39
C LEU A 196 3.37 31.90 -16.83
N SER A 197 3.18 33.17 -17.18
CA SER A 197 3.41 33.58 -18.58
C SER A 197 4.88 33.65 -18.93
N SER A 198 5.75 33.81 -17.93
CA SER A 198 7.17 33.61 -18.13
C SER A 198 7.83 33.11 -16.81
N PRO A 199 9.07 32.63 -16.90
CA PRO A 199 9.62 31.98 -15.68
C PRO A 199 9.79 32.93 -14.50
N VAL A 200 9.56 32.45 -13.29
CA VAL A 200 9.72 33.30 -12.10
C VAL A 200 11.06 32.96 -11.43
N THR A 201 11.77 33.97 -11.00
CA THR A 201 13.07 33.79 -10.34
C THR A 201 12.97 34.38 -8.94
N LYS A 202 13.27 33.60 -7.93
CA LYS A 202 13.45 34.16 -6.59
C LYS A 202 14.94 34.10 -6.26
N SER A 203 15.43 35.11 -5.56
CA SER A 203 16.85 35.12 -5.30
C SER A 203 17.22 35.84 -4.01
N PHE A 204 18.40 35.55 -3.46
CA PHE A 204 18.94 36.32 -2.37
C PHE A 204 20.43 36.55 -2.57
N ASN A 205 20.94 37.53 -1.83
CA ASN A 205 22.39 37.82 -1.85
C ASN A 205 22.99 37.27 -0.56
N ARG A 206 24.02 36.45 -0.65
CA ARG A 206 24.56 35.80 0.51
C ARG A 206 24.95 36.89 1.55
N GLY A 207 24.60 36.67 2.82
CA GLY A 207 24.88 37.64 3.88
C GLY A 207 23.62 38.47 4.03
N GLU A 208 23.46 39.49 3.17
CA GLU A 208 22.30 40.43 3.23
C GLU A 208 20.96 39.70 3.37
N ALA B 1 -12.83 -1.61 18.73
CA ALA B 1 -12.19 -1.22 17.47
C ALA B 1 -11.16 -2.32 17.13
N VAL B 2 -11.05 -2.67 15.84
CA VAL B 2 -10.05 -3.65 15.38
C VAL B 2 -8.67 -2.98 15.48
N THR B 3 -7.70 -3.63 16.10
CA THR B 3 -6.35 -3.09 16.12
C THR B 3 -5.43 -4.22 15.68
N LEU B 4 -4.36 -3.84 14.98
CA LEU B 4 -3.35 -4.78 14.53
C LEU B 4 -2.01 -4.11 14.78
N ASP B 5 -1.36 -4.47 15.89
CA ASP B 5 -0.17 -3.74 16.36
C ASP B 5 1.06 -4.53 16.02
N GLU B 6 1.93 -3.94 15.23
CA GLU B 6 3.10 -4.62 14.69
C GLU B 6 4.34 -4.34 15.50
N SER B 7 5.25 -5.30 15.62
CA SER B 7 6.55 -5.02 16.20
C SER B 7 7.57 -5.96 15.60
N GLY B 8 8.83 -5.70 15.93
CA GLY B 8 9.99 -6.50 15.45
C GLY B 8 10.72 -6.02 14.21
N GLY B 9 10.33 -4.86 13.70
CA GLY B 9 10.95 -4.34 12.46
C GLY B 9 12.20 -3.51 12.79
N GLY B 10 12.52 -2.55 11.95
CA GLY B 10 13.70 -1.67 12.14
C GLY B 10 14.90 -2.23 11.35
N LEU B 11 16.08 -1.77 11.75
CA LEU B 11 17.34 -2.11 11.14
C LEU B 11 17.64 -3.58 11.31
N GLN B 12 18.07 -4.24 10.25
CA GLN B 12 18.43 -5.64 10.26
C GLN B 12 19.75 -5.83 9.51
N THR B 13 20.49 -6.88 9.88
CA THR B 13 21.76 -7.24 9.27
C THR B 13 21.54 -7.96 7.96
N PRO B 14 22.19 -7.53 6.87
CA PRO B 14 22.21 -8.31 5.66
C PRO B 14 22.67 -9.78 5.96
N GLY B 15 21.87 -10.72 5.51
CA GLY B 15 22.14 -12.13 5.74
C GLY B 15 21.52 -12.60 7.02
N GLY B 16 20.99 -11.68 7.79
CA GLY B 16 20.38 -12.00 9.10
C GLY B 16 18.90 -12.39 8.99
N ALA B 17 18.18 -12.35 10.10
CA ALA B 17 16.79 -12.79 10.11
C ALA B 17 16.01 -11.88 10.93
N LEU B 18 14.73 -11.87 10.67
CA LEU B 18 13.84 -11.07 11.51
C LEU B 18 12.60 -11.84 11.88
N SER B 19 11.95 -11.36 12.96
CA SER B 19 10.62 -11.86 13.38
C SER B 19 9.72 -10.72 13.56
N LEU B 20 8.78 -10.57 12.65
CA LEU B 20 7.73 -9.55 12.85
C LEU B 20 6.59 -10.19 13.60
N VAL B 21 5.97 -9.39 14.46
CA VAL B 21 4.86 -9.86 15.25
C VAL B 21 3.74 -8.87 15.16
N CYS B 22 2.53 -9.40 14.96
CA CYS B 22 1.31 -8.63 14.94
C CYS B 22 0.36 -9.12 16.02
N LYS B 23 -0.03 -8.20 16.89
CA LYS B 23 -0.87 -8.48 18.04
C LYS B 23 -2.22 -7.88 17.75
N ALA B 24 -3.22 -8.73 17.67
CA ALA B 24 -4.54 -8.30 17.27
C ALA B 24 -5.47 -8.19 18.45
N SER B 25 -6.42 -7.29 18.34
CA SER B 25 -7.49 -7.23 19.32
C SER B 25 -8.74 -6.70 18.67
N GLY B 26 -9.88 -7.03 19.28
CA GLY B 26 -11.14 -6.39 18.97
C GLY B 26 -11.97 -7.24 18.04
N PHE B 27 -11.66 -8.53 17.92
CA PHE B 27 -12.41 -9.38 17.04
C PHE B 27 -12.07 -10.78 17.38
N ILE B 28 -12.86 -11.71 16.88
CA ILE B 28 -12.58 -13.11 17.17
C ILE B 28 -11.43 -13.55 16.24
N PHE B 29 -10.22 -13.53 16.77
CA PHE B 29 -9.00 -13.71 15.99
C PHE B 29 -8.93 -15.03 15.19
N SER B 30 -9.40 -16.10 15.80
CA SER B 30 -9.29 -17.40 15.21
C SER B 30 -10.22 -17.55 14.00
N ASP B 31 -11.18 -16.67 13.78
CA ASP B 31 -12.01 -16.79 12.59
C ASP B 31 -11.42 -16.18 11.28
N TYR B 32 -10.31 -15.47 11.34
CA TYR B 32 -9.79 -14.72 10.21
C TYR B 32 -8.45 -15.25 9.75
N GLY B 33 -8.22 -15.10 8.44
CA GLY B 33 -6.89 -15.22 7.85
C GLY B 33 -6.09 -13.98 8.23
N MET B 34 -4.79 -14.16 8.35
CA MET B 34 -3.87 -13.05 8.68
C MET B 34 -2.73 -13.04 7.64
N ASN B 35 -2.41 -11.85 7.21
CA ASN B 35 -1.53 -11.62 6.06
C ASN B 35 -0.40 -10.66 6.49
N TRP B 36 0.73 -10.80 5.81
CA TRP B 36 1.76 -9.82 5.80
C TRP B 36 1.91 -9.35 4.35
N VAL B 37 1.91 -8.03 4.19
CA VAL B 37 2.04 -7.41 2.88
C VAL B 37 3.15 -6.33 3.03
N ARG B 38 4.02 -6.16 2.04
CA ARG B 38 5.09 -5.17 2.15
C ARG B 38 5.12 -4.22 0.97
N GLN B 39 5.82 -3.12 1.18
CA GLN B 39 6.00 -2.16 0.10
C GLN B 39 7.41 -1.58 0.15
N ALA B 40 8.18 -1.83 -0.90
CA ALA B 40 9.53 -1.31 -1.04
C ALA B 40 9.47 0.14 -1.51
N PRO B 41 10.54 0.92 -1.28
CA PRO B 41 10.59 2.31 -1.76
C PRO B 41 10.33 2.42 -3.26
N GLY B 42 9.38 3.28 -3.61
CA GLY B 42 9.00 3.54 -4.99
C GLY B 42 8.20 2.44 -5.65
N LYS B 43 7.74 1.43 -4.90
CA LYS B 43 7.05 0.26 -5.49
C LYS B 43 5.65 0.12 -4.92
N GLY B 44 4.91 -0.84 -5.44
CA GLY B 44 3.57 -1.12 -4.98
C GLY B 44 3.51 -2.15 -3.83
N LEU B 45 2.29 -2.55 -3.48
CA LEU B 45 2.04 -3.59 -2.48
C LEU B 45 2.45 -4.91 -3.05
N GLU B 46 3.10 -5.71 -2.21
CA GLU B 46 3.57 -6.99 -2.60
C GLU B 46 3.18 -7.97 -1.48
N PHE B 47 2.51 -9.05 -1.88
CA PHE B 47 2.14 -10.11 -0.97
C PHE B 47 3.39 -10.84 -0.39
N VAL B 48 3.44 -10.99 0.92
CA VAL B 48 4.55 -11.75 1.62
C VAL B 48 4.10 -13.14 2.12
N ALA B 49 3.06 -13.22 2.91
CA ALA B 49 2.65 -14.49 3.53
C ALA B 49 1.28 -14.38 4.13
N GLN B 50 0.62 -15.54 4.28
CA GLN B 50 -0.71 -15.56 4.85
C GLN B 50 -0.87 -16.93 5.55
N ILE B 51 -1.63 -16.91 6.64
CA ILE B 51 -2.01 -18.11 7.32
C ILE B 51 -3.51 -18.04 7.52
N THR B 52 -4.20 -19.11 7.08
CA THR B 52 -5.66 -19.13 7.10
C THR B 52 -6.14 -19.46 8.50
N SER B 53 -7.44 -19.28 8.73
CA SER B 53 -8.03 -19.69 10.04
C SER B 53 -7.83 -21.18 10.29
N GLY B 54 -7.69 -21.97 9.23
CA GLY B 54 -7.34 -23.37 9.40
C GLY B 54 -5.86 -23.67 9.36
N SER B 55 -4.98 -22.67 9.51
CA SER B 55 -3.55 -22.85 9.54
C SER B 55 -2.86 -23.39 8.29
N ARG B 56 -3.48 -23.23 7.13
CA ARG B 56 -2.74 -23.36 5.89
C ARG B 56 -1.91 -22.08 5.58
N THR B 57 -0.71 -22.25 5.05
CA THR B 57 0.22 -21.14 4.86
C THR B 57 0.54 -20.95 3.36
N TYR B 58 0.67 -19.68 2.99
CA TYR B 58 0.94 -19.25 1.61
C TYR B 58 2.07 -18.19 1.67
N TYR B 59 2.99 -18.24 0.70
CA TYR B 59 4.14 -17.36 0.60
C TYR B 59 4.28 -16.76 -0.78
N GLY B 60 4.66 -15.49 -0.79
CA GLY B 60 5.00 -14.86 -2.08
C GLY B 60 6.29 -15.39 -2.63
N ALA B 61 6.39 -15.36 -3.96
CA ALA B 61 7.51 -15.89 -4.69
C ALA B 61 8.87 -15.33 -4.23
N ALA B 62 8.89 -14.05 -3.86
CA ALA B 62 10.16 -13.43 -3.52
C ALA B 62 10.71 -13.86 -2.14
N VAL B 63 9.88 -14.46 -1.30
CA VAL B 63 10.30 -14.92 0.03
C VAL B 63 10.26 -16.44 0.21
N LYS B 64 9.91 -17.14 -0.84
CA LYS B 64 9.68 -18.60 -0.78
C LYS B 64 10.94 -19.28 -0.28
N GLY B 65 10.76 -20.18 0.67
CA GLY B 65 11.88 -20.87 1.28
C GLY B 65 12.56 -20.09 2.37
N ARG B 66 12.36 -18.76 2.47
CA ARG B 66 12.98 -18.00 3.54
C ARG B 66 11.97 -17.58 4.63
N ALA B 67 10.67 -17.67 4.34
CA ALA B 67 9.66 -17.18 5.26
C ALA B 67 8.91 -18.27 5.93
N THR B 68 8.52 -18.00 7.16
CA THR B 68 7.65 -18.88 7.92
C THR B 68 6.64 -18.00 8.64
N ILE B 69 5.36 -18.25 8.39
CA ILE B 69 4.28 -17.56 9.06
C ILE B 69 3.59 -18.56 10.05
N SER B 70 3.26 -18.09 11.23
CA SER B 70 2.57 -18.92 12.27
C SER B 70 1.60 -18.03 13.01
N ARG B 71 0.60 -18.64 13.68
CA ARG B 71 -0.32 -17.90 14.50
C ARG B 71 -0.40 -18.57 15.89
N ASP B 72 -0.78 -17.76 16.87
CA ASP B 72 -1.03 -18.24 18.24
C ASP B 72 -2.39 -17.69 18.62
N ASN B 73 -3.43 -18.49 18.46
CA ASN B 73 -4.80 -18.00 18.69
C ASN B 73 -5.10 -17.53 20.12
N ARG B 74 -4.51 -18.24 21.07
CA ARG B 74 -4.65 -17.91 22.48
CA ARG B 74 -4.59 -17.92 22.52
C ARG B 74 -4.07 -16.52 22.77
N GLN B 75 -2.97 -16.13 22.10
CA GLN B 75 -2.40 -14.79 22.27
C GLN B 75 -2.87 -13.76 21.24
N SER B 76 -3.74 -14.16 20.31
CA SER B 76 -4.13 -13.30 19.19
C SER B 76 -2.89 -12.71 18.44
N THR B 77 -1.89 -13.52 18.15
CA THR B 77 -0.72 -13.00 17.47
C THR B 77 -0.52 -13.81 16.21
N VAL B 78 0.10 -13.17 15.23
CA VAL B 78 0.66 -13.78 14.06
C VAL B 78 2.14 -13.36 13.93
N LYS B 79 2.98 -14.29 13.50
CA LYS B 79 4.41 -14.02 13.41
C LYS B 79 4.95 -14.34 12.05
N LEU B 80 5.86 -13.47 11.57
CA LEU B 80 6.53 -13.69 10.34
C LEU B 80 8.02 -13.82 10.62
N GLN B 81 8.60 -14.97 10.32
CA GLN B 81 10.03 -15.17 10.38
C GLN B 81 10.55 -15.06 8.96
N LEU B 82 11.55 -14.22 8.74
CA LEU B 82 12.15 -14.12 7.41
C LEU B 82 13.67 -14.15 7.57
N ASN B 83 14.31 -15.13 6.97
CA ASN B 83 15.77 -15.31 7.07
C ASN B 83 16.54 -14.97 5.79
N ASN B 84 17.86 -14.95 5.95
CA ASN B 84 18.83 -14.59 4.90
C ASN B 84 18.39 -13.30 4.17
N LEU B 85 18.14 -12.28 4.97
CA LEU B 85 17.66 -10.99 4.53
C LEU B 85 18.57 -10.34 3.53
N ARG B 86 17.97 -9.70 2.57
CA ARG B 86 18.75 -8.95 1.59
C ARG B 86 18.06 -7.60 1.38
N ALA B 87 18.77 -6.70 0.68
CA ALA B 87 18.21 -5.38 0.36
C ALA B 87 16.83 -5.34 -0.26
N GLU B 88 16.53 -6.30 -1.12
CA GLU B 88 15.23 -6.35 -1.76
CA GLU B 88 15.20 -6.43 -1.76
C GLU B 88 14.08 -6.56 -0.71
N ASP B 89 14.42 -6.98 0.53
CA ASP B 89 13.46 -7.11 1.63
C ASP B 89 13.19 -5.82 2.38
N THR B 90 13.95 -4.75 2.11
CA THR B 90 13.70 -3.49 2.76
C THR B 90 12.33 -2.94 2.31
N GLY B 91 11.58 -2.46 3.26
CA GLY B 91 10.26 -1.85 3.00
C GLY B 91 9.43 -1.72 4.25
N ILE B 92 8.21 -1.24 4.07
CA ILE B 92 7.23 -1.13 5.12
C ILE B 92 6.37 -2.40 5.06
N TYR B 93 6.19 -3.08 6.19
CA TYR B 93 5.45 -4.35 6.25
C TYR B 93 4.19 -4.06 7.04
N PHE B 94 3.06 -4.46 6.50
CA PHE B 94 1.75 -4.34 7.10
C PHE B 94 1.19 -5.71 7.42
N CYS B 95 0.58 -5.79 8.58
CA CYS B 95 -0.22 -6.93 9.07
C CYS B 95 -1.66 -6.68 8.51
N ALA B 96 -2.40 -7.69 8.07
CA ALA B 96 -3.79 -7.46 7.60
C ALA B 96 -4.65 -8.67 7.81
N ARG B 97 -5.91 -8.42 8.14
CA ARG B 97 -6.88 -9.47 8.39
C ARG B 97 -7.72 -9.70 7.16
N ASP B 98 -8.01 -10.97 6.89
CA ASP B 98 -8.86 -11.30 5.73
C ASP B 98 -10.06 -12.21 6.14
N PHE B 99 -11.14 -12.11 5.39
CA PHE B 99 -12.36 -12.87 5.63
C PHE B 99 -12.36 -14.24 4.97
N GLY B 100 -11.25 -14.84 4.60
CA GLY B 100 -11.32 -16.21 4.09
C GLY B 100 -11.15 -16.41 2.62
N SER B 101 -10.96 -15.34 1.85
CA SER B 101 -10.67 -15.50 0.43
C SER B 101 -9.32 -14.90 0.04
N GLY B 102 -8.40 -14.79 1.01
CA GLY B 102 -7.07 -14.29 0.76
C GLY B 102 -7.09 -12.80 0.50
N VAL B 103 -6.14 -12.30 -0.33
CA VAL B 103 -5.84 -10.86 -0.35
C VAL B 103 -6.91 -9.99 -1.00
N GLY B 104 -7.90 -10.61 -1.64
CA GLY B 104 -9.09 -9.89 -2.16
C GLY B 104 -10.15 -9.75 -1.10
N SER B 105 -9.89 -10.19 0.13
CA SER B 105 -10.90 -10.12 1.16
C SER B 105 -10.33 -9.46 2.40
N ILE B 106 -9.36 -8.55 2.21
CA ILE B 106 -8.81 -7.82 3.38
C ILE B 106 -9.69 -6.68 3.80
N ASP B 107 -10.07 -6.61 5.10
CA ASP B 107 -10.83 -5.47 5.54
C ASP B 107 -10.18 -4.62 6.62
N ALA B 108 -9.01 -4.95 7.09
CA ALA B 108 -8.37 -4.14 8.12
C ALA B 108 -6.86 -4.26 7.97
N TRP B 109 -6.18 -3.14 8.08
CA TRP B 109 -4.73 -3.06 7.86
C TRP B 109 -4.07 -2.43 9.09
N GLY B 110 -2.95 -2.98 9.51
CA GLY B 110 -2.08 -2.30 10.46
C GLY B 110 -1.39 -1.12 9.86
N ASN B 111 -0.81 -0.33 10.73
CA ASN B 111 -0.20 0.91 10.36
C ASN B 111 1.13 0.77 9.64
N GLY B 112 1.72 -0.40 9.79
CA GLY B 112 2.87 -0.74 8.99
C GLY B 112 4.13 -0.43 9.79
N THR B 113 5.21 -1.16 9.51
CA THR B 113 6.47 -0.91 10.18
C THR B 113 7.62 -1.05 9.20
N GLU B 114 8.61 -0.17 9.35
CA GLU B 114 9.75 -0.10 8.47
C GLU B 114 10.69 -1.25 8.81
N VAL B 115 11.13 -1.94 7.77
CA VAL B 115 12.19 -2.97 7.86
C VAL B 115 13.32 -2.55 6.94
N ILE B 116 14.56 -2.46 7.47
CA ILE B 116 15.67 -1.91 6.67
C ILE B 116 16.82 -2.88 6.76
N VAL B 117 17.21 -3.46 5.65
CA VAL B 117 18.27 -4.41 5.63
C VAL B 117 19.55 -3.72 5.18
N SER B 118 20.40 -3.42 6.14
CA SER B 118 21.55 -2.57 5.88
C SER B 118 22.63 -2.77 6.95
N SER B 119 23.89 -2.62 6.57
CA SER B 119 25.02 -2.57 7.53
C SER B 119 25.19 -1.16 8.12
N ALA B 120 24.53 -0.15 7.61
CA ALA B 120 24.67 1.21 8.15
C ALA B 120 24.15 1.34 9.58
N SER B 121 24.67 2.33 10.30
CA SER B 121 24.28 2.57 11.71
C SER B 121 23.20 3.61 11.83
N THR B 122 22.48 3.60 12.95
CA THR B 122 21.49 4.58 13.25
C THR B 122 22.10 5.94 13.53
N LYS B 123 21.49 6.98 13.00
CA LYS B 123 21.95 8.36 13.20
C LYS B 123 20.78 9.31 13.30
N GLY B 124 20.68 10.09 14.38
CA GLY B 124 19.60 11.04 14.53
C GLY B 124 19.76 12.30 13.69
N PRO B 125 18.66 12.99 13.40
CA PRO B 125 18.68 14.13 12.50
C PRO B 125 19.25 15.41 13.14
N SER B 126 19.70 16.30 12.30
CA SER B 126 19.95 17.71 12.59
C SER B 126 18.78 18.45 12.01
N VAL B 127 18.28 19.43 12.72
CA VAL B 127 17.10 20.17 12.29
C VAL B 127 17.45 21.60 12.15
N PHE B 128 17.29 22.13 10.96
CA PHE B 128 17.61 23.51 10.73
C PHE B 128 16.38 24.31 10.33
N PRO B 129 16.33 25.61 10.69
CA PRO B 129 15.22 26.42 10.27
C PRO B 129 15.27 26.85 8.81
N LEU B 130 14.08 26.93 8.22
CA LEU B 130 13.83 27.59 6.95
C LEU B 130 13.06 28.90 7.36
N ALA B 131 13.79 29.96 7.54
CA ALA B 131 13.26 31.15 8.21
C ALA B 131 12.35 31.92 7.29
N PRO B 132 11.25 32.47 7.79
CA PRO B 132 10.40 33.29 6.87
C PRO B 132 11.16 34.55 6.47
N SER B 133 11.08 35.00 5.22
CA SER B 133 12.04 36.07 4.72
C SER B 133 11.63 37.53 5.01
N GLY B 140 -0.59 38.79 1.90
CA GLY B 140 0.40 38.67 2.94
C GLY B 140 0.45 37.22 3.42
N THR B 141 1.05 36.31 2.62
CA THR B 141 1.34 34.91 3.03
C THR B 141 2.85 34.72 3.06
N ALA B 142 3.37 34.16 4.16
CA ALA B 142 4.77 33.87 4.30
C ALA B 142 4.93 32.34 4.38
N ALA B 143 6.08 31.87 3.98
CA ALA B 143 6.40 30.43 4.15
C ALA B 143 7.60 30.28 5.11
N LEU B 144 7.56 29.23 5.92
CA LEU B 144 8.66 28.89 6.80
C LEU B 144 8.66 27.39 6.91
N GLY B 145 9.67 26.84 7.56
CA GLY B 145 9.81 25.42 7.62
C GLY B 145 10.99 24.92 8.43
N CYS B 146 11.23 23.60 8.36
CA CYS B 146 12.38 22.94 9.02
C CYS B 146 12.99 22.02 8.03
N LEU B 147 14.31 22.04 7.90
CA LEU B 147 15.07 21.08 7.11
C LEU B 147 15.57 20.03 8.07
N VAL B 148 15.22 18.76 7.84
CA VAL B 148 15.53 17.69 8.69
C VAL B 148 16.58 16.84 7.96
N LYS B 149 17.84 16.91 8.38
CA LYS B 149 18.91 16.48 7.49
C LYS B 149 19.77 15.43 8.20
N ASP B 150 20.26 14.50 7.39
CA ASP B 150 21.26 13.53 7.74
C ASP B 150 20.87 12.53 8.84
N TYR B 151 19.79 11.77 8.63
CA TYR B 151 19.32 10.77 9.50
C TYR B 151 19.26 9.41 8.82
N PHE B 152 19.32 8.37 9.63
CA PHE B 152 19.15 7.00 9.17
C PHE B 152 18.74 6.13 10.32
N PRO B 153 17.90 5.14 10.09
CA PRO B 153 17.09 4.90 8.93
C PRO B 153 15.84 5.76 8.98
N GLU B 154 15.00 5.60 7.97
CA GLU B 154 13.61 6.08 8.00
C GLU B 154 12.83 5.36 9.10
N PRO B 155 11.74 5.96 9.58
CA PRO B 155 11.17 7.25 9.30
C PRO B 155 11.42 8.33 10.34
N VAL B 156 11.25 9.57 9.92
CA VAL B 156 10.99 10.67 10.83
C VAL B 156 9.52 11.08 10.65
N THR B 157 8.88 11.63 11.68
CA THR B 157 7.59 12.35 11.48
C THR B 157 7.76 13.75 11.94
N VAL B 158 7.04 14.67 11.34
CA VAL B 158 7.11 16.06 11.67
C VAL B 158 5.70 16.51 12.00
N SER B 159 5.58 17.33 13.02
CA SER B 159 4.30 18.07 13.30
C SER B 159 4.69 19.47 13.56
N TRP B 160 3.72 20.37 13.65
CA TRP B 160 3.98 21.75 13.95
C TRP B 160 3.09 22.16 15.18
N ASN B 161 3.69 22.96 16.05
CA ASN B 161 3.07 23.42 17.32
C ASN B 161 2.34 22.30 18.03
N SER B 162 3.05 21.18 18.14
CA SER B 162 2.64 19.94 18.72
C SER B 162 1.32 19.43 18.21
N GLY B 163 0.99 19.64 16.93
CA GLY B 163 -0.23 19.07 16.36
C GLY B 163 -1.33 20.10 16.19
N ALA B 164 -1.17 21.27 16.76
CA ALA B 164 -2.16 22.31 16.66
C ALA B 164 -2.13 23.03 15.33
N LEU B 165 -1.04 22.99 14.54
CA LEU B 165 -0.96 23.67 13.25
C LEU B 165 -0.85 22.57 12.19
N THR B 166 -1.90 22.43 11.41
CA THR B 166 -1.98 21.43 10.34
C THR B 166 -2.34 22.05 9.01
N SER B 167 -3.05 23.17 9.04
CA SER B 167 -3.48 23.81 7.86
C SER B 167 -2.28 24.49 7.15
N GLY B 168 -2.14 24.20 5.87
CA GLY B 168 -1.06 24.70 5.06
C GLY B 168 0.30 24.03 5.16
N VAL B 169 0.36 22.92 5.91
CA VAL B 169 1.60 22.19 6.17
C VAL B 169 1.84 21.27 4.97
N HIS B 170 3.05 21.22 4.44
CA HIS B 170 3.45 20.17 3.51
C HIS B 170 4.79 19.57 4.00
N THR B 171 4.79 18.28 4.20
CA THR B 171 5.99 17.56 4.59
C THR B 171 6.40 16.69 3.41
N PHE B 172 7.56 16.97 2.81
CA PHE B 172 8.02 16.30 1.60
C PHE B 172 8.49 14.90 1.86
N PRO B 173 8.39 14.04 0.86
CA PRO B 173 9.03 12.72 1.00
C PRO B 173 10.56 12.89 1.17
N ALA B 174 11.15 12.03 1.94
CA ALA B 174 12.59 12.03 2.18
C ALA B 174 13.34 11.67 0.92
N VAL B 175 14.50 12.30 0.73
CA VAL B 175 15.43 11.90 -0.29
C VAL B 175 16.67 11.27 0.33
N LEU B 176 17.26 10.34 -0.40
CA LEU B 176 18.51 9.67 0.02
C LEU B 176 19.70 10.38 -0.58
N GLN B 177 20.65 10.73 0.28
CA GLN B 177 21.85 11.38 -0.16
C GLN B 177 22.98 10.37 -0.39
N SER B 178 24.07 10.78 -0.99
CA SER B 178 25.20 9.81 -1.29
C SER B 178 25.98 9.40 -0.11
N SER B 179 25.82 10.13 1.00
CA SER B 179 26.32 9.69 2.31
C SER B 179 25.63 8.47 2.88
N GLY B 180 24.52 8.10 2.28
CA GLY B 180 23.70 7.05 2.86
C GLY B 180 22.63 7.53 3.84
N LEU B 181 22.57 8.82 4.08
CA LEU B 181 21.59 9.43 4.99
C LEU B 181 20.48 10.12 4.22
N TYR B 182 19.34 10.27 4.90
CA TYR B 182 18.12 10.87 4.39
C TYR B 182 18.04 12.30 4.80
N SER B 183 17.27 13.04 4.04
CA SER B 183 16.94 14.45 4.26
C SER B 183 15.48 14.67 3.83
N LEU B 184 14.75 15.47 4.61
CA LEU B 184 13.47 16.00 4.20
C LEU B 184 13.23 17.38 4.70
N SER B 185 12.31 18.09 4.07
CA SER B 185 11.85 19.39 4.55
C SER B 185 10.35 19.30 4.85
N SER B 186 9.92 20.12 5.81
CA SER B 186 8.51 20.34 6.10
C SER B 186 8.36 21.80 6.09
N VAL B 187 7.35 22.28 5.39
CA VAL B 187 7.09 23.68 5.26
C VAL B 187 5.63 23.99 5.65
N VAL B 188 5.37 25.26 5.97
CA VAL B 188 3.99 25.71 6.25
C VAL B 188 3.85 27.13 5.78
N THR B 189 2.68 27.44 5.21
CA THR B 189 2.40 28.85 4.88
C THR B 189 1.45 29.41 5.95
N VAL B 190 1.73 30.64 6.32
CA VAL B 190 1.04 31.35 7.38
C VAL B 190 0.83 32.80 7.00
N PRO B 191 -0.15 33.48 7.66
CA PRO B 191 -0.29 34.93 7.41
C PRO B 191 0.97 35.69 7.81
N SER B 192 1.45 36.56 6.93
CA SER B 192 2.56 37.45 7.27
C SER B 192 2.42 38.18 8.58
N SER B 193 1.18 38.58 8.87
CA SER B 193 0.86 39.38 10.05
C SER B 193 1.01 38.57 11.34
N SER B 194 0.91 37.23 11.25
CA SER B 194 1.14 36.40 12.41
C SER B 194 2.65 36.25 12.80
N LEU B 195 3.62 36.67 11.98
CA LEU B 195 5.05 36.37 12.24
C LEU B 195 5.55 37.05 13.50
N GLY B 196 5.11 38.28 13.75
CA GLY B 196 5.46 38.97 15.01
C GLY B 196 5.01 38.27 16.29
N THR B 197 3.77 37.81 16.30
CA THR B 197 3.10 37.31 17.49
C THR B 197 3.12 35.77 17.71
N GLN B 198 2.88 34.99 16.65
CA GLN B 198 2.68 33.56 16.77
C GLN B 198 4.06 32.83 16.74
N THR B 199 4.23 31.87 17.61
CA THR B 199 5.44 31.07 17.55
C THR B 199 5.16 29.81 16.77
N TYR B 200 6.17 29.42 16.01
CA TYR B 200 6.10 28.21 15.15
C TYR B 200 7.27 27.30 15.50
N ILE B 201 6.95 26.08 15.90
CA ILE B 201 7.92 25.12 16.31
C ILE B 201 7.68 23.82 15.52
N CYS B 202 8.70 23.26 14.87
CA CYS B 202 8.51 21.94 14.25
C CYS B 202 8.96 20.93 15.20
N ASN B 203 8.21 19.83 15.32
CA ASN B 203 8.45 18.78 16.25
C ASN B 203 8.85 17.59 15.42
N VAL B 204 10.09 17.16 15.52
CA VAL B 204 10.63 16.13 14.65
C VAL B 204 10.94 14.89 15.46
N ASN B 205 10.20 13.80 15.24
CA ASN B 205 10.42 12.57 15.90
C ASN B 205 11.22 11.59 15.04
N HIS B 206 12.30 11.04 15.58
CA HIS B 206 13.10 9.97 14.97
C HIS B 206 13.18 8.82 15.94
N LYS B 207 12.10 8.04 15.96
CA LYS B 207 12.06 6.84 16.82
C LYS B 207 13.27 5.87 16.75
N PRO B 208 13.80 5.61 15.54
CA PRO B 208 14.94 4.74 15.46
C PRO B 208 16.13 5.17 16.28
N SER B 209 16.35 6.47 16.51
CA SER B 209 17.46 6.91 17.40
C SER B 209 17.01 7.35 18.82
N ASN B 210 15.76 7.13 19.14
CA ASN B 210 15.14 7.49 20.43
C ASN B 210 15.20 9.00 20.67
N THR B 211 15.04 9.79 19.62
CA THR B 211 15.26 11.23 19.67
C THR B 211 14.03 11.96 19.15
N LYS B 212 13.76 13.10 19.75
CA LYS B 212 12.82 14.08 19.29
C LYS B 212 13.46 15.43 19.42
N VAL B 213 13.33 16.25 18.38
CA VAL B 213 13.89 17.59 18.34
C VAL B 213 12.79 18.58 18.04
N ASP B 214 12.66 19.58 18.89
CA ASP B 214 11.77 20.71 18.59
C ASP B 214 12.62 21.93 18.24
N LYS B 215 12.36 22.51 17.10
CA LYS B 215 13.03 23.72 16.64
C LYS B 215 12.05 24.82 16.45
N LYS B 216 12.27 25.94 17.17
CA LYS B 216 11.45 27.13 16.99
C LYS B 216 11.98 27.92 15.81
N VAL B 217 11.15 28.31 14.88
CA VAL B 217 11.62 28.87 13.61
C VAL B 217 11.25 30.33 13.63
N GLU B 218 12.26 31.16 13.53
CA GLU B 218 12.10 32.61 13.69
C GLU B 218 12.54 33.42 12.49
N PRO B 219 11.89 34.61 12.26
CA PRO B 219 12.37 35.53 11.26
C PRO B 219 13.84 35.79 11.41
N LYS B 220 14.52 35.96 10.28
CA LYS B 220 15.95 36.23 10.23
C LYS B 220 16.73 35.16 10.93
N GLU C 1 -5.55 -21.46 -26.82
CA GLU C 1 -6.46 -21.65 -25.65
C GLU C 1 -5.64 -22.05 -24.44
N GLU C 2 -5.85 -21.41 -23.30
CA GLU C 2 -5.03 -21.79 -22.12
C GLU C 2 -5.60 -23.09 -21.47
N GLU C 3 -4.68 -23.85 -20.86
CA GLU C 3 -4.98 -25.07 -20.13
C GLU C 3 -6.08 -24.78 -19.08
N LEU C 4 -7.04 -25.69 -18.94
CA LEU C 4 -8.06 -25.68 -17.88
C LEU C 4 -7.42 -25.51 -16.53
N GLN C 5 -8.01 -24.61 -15.75
CA GLN C 5 -7.68 -24.36 -14.34
CA GLN C 5 -7.66 -24.50 -14.34
C GLN C 5 -8.97 -24.65 -13.54
N VAL C 6 -8.81 -25.01 -12.28
CA VAL C 6 -9.94 -25.21 -11.38
C VAL C 6 -9.71 -24.17 -10.29
N ILE C 7 -10.65 -23.26 -10.15
CA ILE C 7 -10.52 -22.10 -9.26
C ILE C 7 -11.45 -22.27 -8.08
N GLN C 8 -10.89 -22.34 -6.87
CA GLN C 8 -11.64 -22.28 -5.64
C GLN C 8 -11.28 -20.96 -4.97
N PRO C 9 -12.22 -20.02 -5.02
CA PRO C 9 -11.82 -18.65 -4.63
C PRO C 9 -11.71 -18.40 -3.12
N ASP C 10 -12.31 -19.30 -2.36
CA ASP C 10 -12.40 -19.21 -0.92
C ASP C 10 -11.48 -20.25 -0.28
N LYS C 11 -10.62 -19.77 0.59
CA LYS C 11 -9.66 -20.60 1.32
C LYS C 11 -10.38 -21.20 2.53
N SER C 12 -11.41 -20.49 3.07
CA SER C 12 -12.00 -20.82 4.36
C SER C 12 -13.44 -20.40 4.32
N VAL C 13 -14.31 -21.27 4.76
CA VAL C 13 -15.71 -20.98 4.91
C VAL C 13 -16.08 -21.38 6.35
N LEU C 14 -16.84 -20.52 7.01
CA LEU C 14 -17.24 -20.69 8.39
C LEU C 14 -18.77 -20.75 8.41
N VAL C 15 -19.33 -21.82 8.97
CA VAL C 15 -20.76 -22.11 8.90
C VAL C 15 -21.29 -22.49 10.29
N ALA C 16 -22.40 -21.86 10.69
CA ALA C 16 -23.12 -22.23 11.92
C ALA C 16 -23.72 -23.63 11.78
N ALA C 17 -23.55 -24.44 12.82
CA ALA C 17 -24.18 -25.79 12.90
C ALA C 17 -25.64 -25.70 12.44
N GLY C 18 -26.03 -26.64 11.58
CA GLY C 18 -27.38 -26.68 11.01
C GLY C 18 -27.64 -25.85 9.76
N GLU C 19 -26.73 -24.94 9.41
CA GLU C 19 -26.91 -24.11 8.24
C GLU C 19 -26.31 -24.81 7.01
N THR C 20 -26.37 -24.15 5.85
CA THR C 20 -25.82 -24.67 4.58
C THR C 20 -24.42 -24.09 4.29
N ALA C 21 -23.45 -24.93 3.93
CA ALA C 21 -22.13 -24.41 3.46
C ALA C 21 -22.17 -24.29 1.96
N THR C 22 -21.67 -23.17 1.43
CA THR C 22 -21.51 -23.00 -0.04
C THR C 22 -20.01 -23.04 -0.38
N LEU C 23 -19.63 -23.96 -1.26
CA LEU C 23 -18.27 -24.24 -1.61
C LEU C 23 -18.14 -23.93 -3.12
N ARG C 24 -17.40 -22.88 -3.43
CA ARG C 24 -17.33 -22.32 -4.73
C ARG C 24 -16.24 -22.97 -5.57
N CYS C 25 -16.55 -23.16 -6.86
CA CYS C 25 -15.56 -23.71 -7.77
C CYS C 25 -15.98 -23.33 -9.18
N THR C 26 -14.97 -22.93 -9.97
CA THR C 26 -15.10 -22.68 -11.38
C THR C 26 -14.04 -23.41 -12.14
N ALA C 27 -14.44 -24.04 -13.24
CA ALA C 27 -13.45 -24.59 -14.17
C ALA C 27 -13.31 -23.58 -15.37
N THR C 28 -12.09 -23.33 -15.84
CA THR C 28 -11.87 -22.24 -16.81
C THR C 28 -11.98 -22.70 -18.25
N SER C 29 -12.21 -24.00 -18.48
CA SER C 29 -12.33 -24.55 -19.79
C SER C 29 -13.24 -25.76 -19.80
N LEU C 30 -13.80 -26.07 -20.97
CA LEU C 30 -14.63 -27.28 -21.12
C LEU C 30 -13.83 -28.44 -21.67
N ILE C 31 -12.53 -28.22 -21.89
CA ILE C 31 -11.61 -29.18 -22.49
C ILE C 31 -10.51 -29.47 -21.47
N PRO C 32 -10.19 -30.75 -21.25
CA PRO C 32 -10.77 -32.00 -21.81
C PRO C 32 -12.13 -32.34 -21.19
N VAL C 33 -12.88 -33.20 -21.86
CA VAL C 33 -14.15 -33.66 -21.40
C VAL C 33 -13.90 -34.52 -20.15
N GLY C 34 -14.87 -34.49 -19.26
CA GLY C 34 -14.87 -35.28 -18.04
C GLY C 34 -15.56 -34.57 -16.88
N PRO C 35 -16.01 -35.35 -15.87
CA PRO C 35 -16.81 -34.79 -14.78
C PRO C 35 -15.92 -34.12 -13.74
N ILE C 36 -16.58 -33.29 -12.94
CA ILE C 36 -15.99 -32.71 -11.78
C ILE C 36 -16.48 -33.53 -10.60
N GLN C 37 -15.59 -33.77 -9.65
CA GLN C 37 -15.97 -34.38 -8.40
C GLN C 37 -15.49 -33.54 -7.26
N TRP C 38 -16.17 -33.62 -6.14
CA TRP C 38 -15.69 -32.98 -4.89
C TRP C 38 -15.28 -34.04 -3.87
N PHE C 39 -14.16 -33.82 -3.19
CA PHE C 39 -13.70 -34.69 -2.07
C PHE C 39 -13.45 -33.89 -0.81
N ARG C 40 -13.60 -34.53 0.34
CA ARG C 40 -13.06 -34.03 1.60
C ARG C 40 -11.80 -34.73 1.86
N GLY C 41 -10.72 -33.96 1.84
CA GLY C 41 -9.37 -34.47 1.98
C GLY C 41 -8.75 -34.68 0.64
N ALA C 42 -7.44 -34.89 0.67
CA ALA C 42 -6.64 -35.16 -0.49
C ALA C 42 -5.82 -36.47 -0.42
N GLY C 43 -5.91 -37.25 0.64
CA GLY C 43 -5.21 -38.55 0.65
C GLY C 43 -5.73 -39.58 -0.37
N PRO C 44 -5.09 -40.78 -0.43
CA PRO C 44 -5.81 -41.91 -1.08
C PRO C 44 -7.07 -42.32 -0.25
N GLY C 45 -7.06 -41.98 1.04
CA GLY C 45 -8.24 -42.07 1.92
C GLY C 45 -9.23 -40.92 1.90
N ARG C 46 -9.12 -39.97 0.95
CA ARG C 46 -10.14 -38.90 0.82
C ARG C 46 -11.55 -39.47 0.61
N GLU C 47 -12.54 -38.72 1.07
CA GLU C 47 -13.91 -39.08 1.01
C GLU C 47 -14.61 -38.36 -0.18
N LEU C 48 -15.29 -39.11 -1.04
CA LEU C 48 -16.12 -38.56 -2.08
C LEU C 48 -17.34 -37.84 -1.54
N ILE C 49 -17.50 -36.59 -1.97
CA ILE C 49 -18.63 -35.75 -1.53
C ILE C 49 -19.66 -35.55 -2.62
N TYR C 50 -19.21 -35.49 -3.87
CA TYR C 50 -20.11 -35.26 -5.01
C TYR C 50 -19.41 -35.68 -6.26
N ASN C 51 -20.16 -36.32 -7.17
CA ASN C 51 -19.62 -36.77 -8.44
C ASN C 51 -20.64 -36.35 -9.49
N GLN C 52 -20.22 -35.51 -10.43
CA GLN C 52 -21.11 -35.04 -11.50
C GLN C 52 -21.70 -36.21 -12.32
N LYS C 53 -20.87 -37.20 -12.60
CA LYS C 53 -21.22 -38.33 -13.50
C LYS C 53 -22.33 -39.21 -12.93
N GLU C 54 -22.29 -39.52 -11.64
CA GLU C 54 -23.26 -40.49 -11.08
C GLU C 54 -23.17 -40.48 -9.57
N GLY C 55 -24.22 -40.98 -8.94
CA GLY C 55 -24.19 -41.29 -7.55
C GLY C 55 -25.28 -40.51 -6.84
N HIS C 56 -25.54 -40.95 -5.63
CA HIS C 56 -26.51 -40.40 -4.70
C HIS C 56 -25.78 -39.67 -3.56
N PHE C 57 -26.04 -38.37 -3.48
CA PHE C 57 -25.45 -37.43 -2.51
C PHE C 57 -26.58 -36.58 -1.97
N PRO C 58 -27.34 -37.11 -0.99
CA PRO C 58 -28.58 -36.45 -0.61
C PRO C 58 -28.43 -35.06 0.00
N ARG C 59 -27.31 -34.75 0.63
CA ARG C 59 -27.20 -33.41 1.24
C ARG C 59 -26.58 -32.33 0.32
N VAL C 60 -26.15 -32.73 -0.87
CA VAL C 60 -25.47 -31.83 -1.81
C VAL C 60 -26.40 -31.38 -2.90
N THR C 61 -26.48 -30.07 -3.13
CA THR C 61 -27.14 -29.51 -4.31
C THR C 61 -26.08 -28.71 -5.05
N THR C 62 -26.21 -28.68 -6.37
CA THR C 62 -25.27 -27.90 -7.21
C THR C 62 -25.86 -26.49 -7.38
N VAL C 63 -25.00 -25.46 -7.39
CA VAL C 63 -25.49 -24.08 -7.49
C VAL C 63 -26.06 -23.88 -8.90
N SER C 64 -25.45 -24.42 -9.94
CA SER C 64 -25.92 -24.25 -11.28
C SER C 64 -26.36 -25.58 -11.87
N ASP C 65 -26.93 -25.50 -13.05
CA ASP C 65 -27.34 -26.68 -13.78
C ASP C 65 -26.20 -27.16 -14.61
N LEU C 66 -25.65 -28.29 -14.20
CA LEU C 66 -24.43 -28.81 -14.81
C LEU C 66 -24.66 -29.41 -16.19
N THR C 67 -25.94 -29.66 -16.54
CA THR C 67 -26.28 -30.13 -17.87
C THR C 67 -26.23 -29.05 -18.93
N LYS C 68 -26.23 -27.76 -18.56
CA LYS C 68 -26.13 -26.69 -19.59
C LYS C 68 -24.75 -26.77 -20.29
N ARG C 69 -24.76 -26.52 -21.59
CA ARG C 69 -23.61 -26.80 -22.48
C ARG C 69 -22.38 -25.96 -22.10
N ASN C 70 -22.63 -24.70 -21.71
CA ASN C 70 -21.54 -23.78 -21.40
C ASN C 70 -21.18 -23.76 -19.92
N ASN C 71 -21.80 -24.61 -19.11
CA ASN C 71 -21.56 -24.50 -17.68
C ASN C 71 -20.06 -24.63 -17.28
N MET C 72 -19.61 -23.68 -16.44
CA MET C 72 -18.32 -23.73 -15.82
C MET C 72 -18.34 -23.62 -14.31
N ASP C 73 -19.54 -23.59 -13.73
CA ASP C 73 -19.75 -23.40 -12.28
C ASP C 73 -19.97 -24.75 -11.65
N PHE C 74 -19.05 -25.14 -10.78
CA PHE C 74 -19.17 -26.41 -10.04
C PHE C 74 -19.36 -26.23 -8.57
N SER C 75 -19.85 -25.05 -8.19
CA SER C 75 -20.06 -24.76 -6.81
C SER C 75 -21.16 -25.67 -6.29
N ILE C 76 -21.01 -26.09 -5.04
CA ILE C 76 -22.04 -26.92 -4.34
C ILE C 76 -22.45 -26.30 -3.01
N ARG C 77 -23.65 -26.68 -2.55
CA ARG C 77 -24.13 -26.39 -1.22
C ARG C 77 -24.36 -27.69 -0.48
N ILE C 78 -23.80 -27.77 0.72
CA ILE C 78 -23.97 -28.94 1.58
C ILE C 78 -24.91 -28.53 2.74
N GLY C 79 -26.04 -29.25 2.89
CA GLY C 79 -27.10 -28.87 3.87
C GLY C 79 -26.88 -29.50 5.25
N ALA C 80 -27.48 -28.90 6.26
CA ALA C 80 -27.51 -29.49 7.63
C ALA C 80 -26.10 -29.79 8.14
N ILE C 81 -25.26 -28.76 8.11
CA ILE C 81 -23.83 -28.96 8.44
C ILE C 81 -23.68 -29.28 9.91
N THR C 82 -22.86 -30.28 10.21
CA THR C 82 -22.50 -30.57 11.59
C THR C 82 -20.99 -30.64 11.72
N PRO C 83 -20.50 -30.72 12.97
CA PRO C 83 -19.05 -30.73 13.14
C PRO C 83 -18.33 -31.84 12.43
N ALA C 84 -18.94 -33.00 12.23
CA ALA C 84 -18.27 -34.08 11.47
C ALA C 84 -17.98 -33.70 10.00
N ASP C 85 -18.67 -32.68 9.50
CA ASP C 85 -18.40 -32.15 8.10
C ASP C 85 -17.10 -31.31 7.95
N ALA C 86 -16.55 -30.86 9.06
CA ALA C 86 -15.38 -29.98 9.07
C ALA C 86 -14.25 -30.65 8.34
N GLY C 87 -13.48 -29.89 7.56
CA GLY C 87 -12.34 -30.44 6.85
C GLY C 87 -12.07 -29.56 5.64
N THR C 88 -11.17 -30.02 4.81
CA THR C 88 -10.79 -29.32 3.56
C THR C 88 -11.36 -30.01 2.33
N TYR C 89 -12.14 -29.24 1.54
CA TYR C 89 -12.86 -29.73 0.35
C TYR C 89 -12.21 -29.30 -0.96
N TYR C 90 -12.02 -30.23 -1.85
CA TYR C 90 -11.34 -30.02 -3.10
C TYR C 90 -12.25 -30.33 -4.26
N CYS C 91 -12.26 -29.43 -5.24
CA CYS C 91 -13.04 -29.57 -6.41
C CYS C 91 -12.05 -30.11 -7.43
N VAL C 92 -12.37 -31.20 -8.09
CA VAL C 92 -11.38 -31.88 -8.91
C VAL C 92 -11.93 -32.25 -10.28
N LYS C 93 -11.20 -31.85 -11.30
CA LYS C 93 -11.54 -32.19 -12.68
C LYS C 93 -10.93 -33.58 -13.09
N PHE C 94 -11.78 -34.45 -13.63
CA PHE C 94 -11.33 -35.72 -14.25
C PHE C 94 -11.43 -35.65 -15.76
N ARG C 95 -10.56 -36.39 -16.43
CA ARG C 95 -10.66 -36.62 -17.85
C ARG C 95 -11.06 -38.07 -18.05
N LYS C 96 -11.48 -38.36 -19.26
CA LYS C 96 -11.87 -39.72 -19.61
C LYS C 96 -10.62 -40.55 -19.86
N GLY C 97 -10.68 -41.84 -19.48
CA GLY C 97 -9.55 -42.74 -19.70
C GLY C 97 -10.01 -44.19 -19.79
N SER C 98 -9.06 -45.06 -19.98
CA SER C 98 -9.31 -46.49 -20.04
C SER C 98 -8.37 -47.18 -19.08
N PRO C 99 -8.91 -47.98 -18.16
CA PRO C 99 -10.30 -48.46 -18.02
C PRO C 99 -11.32 -47.51 -17.45
N ASP C 100 -10.88 -46.37 -16.88
CA ASP C 100 -11.77 -45.38 -16.24
C ASP C 100 -11.21 -43.90 -16.16
N ASP C 101 -12.03 -43.00 -15.65
CA ASP C 101 -11.71 -41.62 -15.58
C ASP C 101 -10.53 -41.38 -14.68
N VAL C 102 -9.66 -40.45 -15.05
CA VAL C 102 -8.41 -40.15 -14.33
C VAL C 102 -8.42 -38.65 -13.89
N GLU C 103 -7.86 -38.38 -12.73
CA GLU C 103 -7.82 -37.03 -12.18
C GLU C 103 -6.93 -36.21 -13.02
N PHE C 104 -7.42 -35.03 -13.39
CA PHE C 104 -6.69 -34.17 -14.33
C PHE C 104 -6.13 -32.94 -13.60
N LYS C 105 -6.93 -32.25 -12.80
CA LYS C 105 -6.47 -31.04 -12.04
C LYS C 105 -7.34 -30.88 -10.82
N SER C 106 -6.72 -30.54 -9.70
CA SER C 106 -7.46 -30.24 -8.47
C SER C 106 -7.47 -28.73 -8.24
N GLY C 107 -8.56 -28.25 -7.69
CA GLY C 107 -8.55 -26.93 -7.03
C GLY C 107 -7.71 -26.90 -5.79
N ALA C 108 -7.47 -25.71 -5.28
CA ALA C 108 -6.54 -25.55 -4.19
C ALA C 108 -7.16 -25.84 -2.80
N GLY C 109 -8.47 -26.10 -2.75
CA GLY C 109 -9.10 -26.54 -1.52
C GLY C 109 -9.69 -25.43 -0.71
N THR C 110 -10.82 -25.72 -0.08
CA THR C 110 -11.53 -24.75 0.76
C THR C 110 -11.79 -25.43 2.11
N GLU C 111 -11.38 -24.78 3.20
CA GLU C 111 -11.63 -25.24 4.57
C GLU C 111 -13.01 -24.95 4.99
N LEU C 112 -13.68 -25.96 5.54
CA LEU C 112 -15.02 -25.79 6.08
C LEU C 112 -14.90 -25.96 7.56
N SER C 113 -15.26 -24.94 8.30
CA SER C 113 -15.30 -25.13 9.77
C SER C 113 -16.65 -24.72 10.28
N VAL C 114 -16.96 -25.26 11.47
CA VAL C 114 -18.29 -25.15 12.05
C VAL C 114 -18.27 -24.42 13.37
N ARG C 115 -19.15 -23.44 13.57
CA ARG C 115 -19.19 -22.61 14.79
C ARG C 115 -20.33 -23.04 15.75
#